data_3I0U
#
_entry.id   3I0U
#
_cell.length_a   62.125
_cell.length_b   62.125
_cell.length_c   239.586
_cell.angle_alpha   90.00
_cell.angle_beta   90.00
_cell.angle_gamma   90.00
#
_symmetry.space_group_name_H-M   'P 41 21 2'
#
loop_
_entity.id
_entity.type
_entity.pdbx_description
1 polymer 'Phosphothreonine lyase ospF'
2 non-polymer (4S)-2-METHYL-2,4-PENTANEDIOL
3 water water
#
_entity_poly.entity_id   1
_entity_poly.type   'polypeptide(L)'
_entity_poly.pdbx_seq_one_letter_code
;GPQMLSANERLKNNFNILYNQIRQYPAYYFKVASNVPTYSDICQSFSVMYQGFQIVNHSGDVFIHACRENPQSKGDFVGD
KFHISIAREQVPLAFQILSGLLFSEDSPIDKWKITDMNRVSQQSRVGIGAQFTLYVKSDQECSQYSALLLHKIRQFIMCL
ESNLLRSKIAPGEYPASDVRPEDWKYVSYRNELRSDRDGSERQEQMLREEPFYRLMIE
;
_entity_poly.pdbx_strand_id   A,B
#
loop_
_chem_comp.id
_chem_comp.type
_chem_comp.name
_chem_comp.formula
MPD non-polymer (4S)-2-METHYL-2,4-PENTANEDIOL 'C6 H14 O2'
#
# COMPACT_ATOMS: atom_id res chain seq x y z
N ARG A 10 -11.71 -12.26 39.61
CA ARG A 10 -12.36 -11.45 38.55
C ARG A 10 -11.31 -11.03 37.54
N LEU A 11 -10.29 -10.33 38.03
CA LEU A 11 -9.21 -9.76 37.24
C LEU A 11 -8.39 -10.75 36.42
N LYS A 12 -8.06 -11.89 37.05
CA LYS A 12 -7.27 -12.98 36.46
C LYS A 12 -7.96 -13.53 35.24
N ASN A 13 -9.27 -13.78 35.38
CA ASN A 13 -10.11 -14.23 34.29
C ASN A 13 -10.25 -13.21 33.15
N ASN A 14 -10.43 -11.93 33.50
CA ASN A 14 -10.54 -10.88 32.47
C ASN A 14 -9.26 -10.57 31.75
N PHE A 15 -8.15 -10.81 32.43
CA PHE A 15 -6.82 -10.84 31.83
C PHE A 15 -6.71 -12.01 30.84
N ASN A 16 -7.08 -13.20 31.29
CA ASN A 16 -6.95 -14.39 30.45
C ASN A 16 -7.90 -14.36 29.27
N ILE A 17 -9.05 -13.70 29.45
CA ILE A 17 -10.02 -13.42 28.38
C ILE A 17 -9.31 -12.65 27.26
N LEU A 18 -8.64 -11.57 27.65
CA LEU A 18 -7.86 -10.76 26.73
C LEU A 18 -6.71 -11.54 26.10
N TYR A 19 -5.96 -12.29 26.94
CA TYR A 19 -4.71 -12.97 26.55
C TYR A 19 -4.93 -13.98 25.44
N ASN A 20 -5.91 -14.85 25.64
CA ASN A 20 -6.20 -15.86 24.64
C ASN A 20 -6.85 -15.36 23.37
N GLN A 21 -7.50 -14.18 23.45
CA GLN A 21 -8.06 -13.59 22.24
C GLN A 21 -6.98 -13.09 21.30
N ILE A 22 -5.95 -12.49 21.87
CA ILE A 22 -4.78 -11.94 21.13
C ILE A 22 -4.10 -13.06 20.31
N ARG A 23 -4.01 -14.24 20.92
CA ARG A 23 -3.31 -15.35 20.29
C ARG A 23 -4.18 -16.02 19.21
N GLN A 24 -5.47 -15.69 19.19
CA GLN A 24 -6.39 -16.18 18.15
C GLN A 24 -6.28 -15.45 16.82
N TYR A 25 -5.82 -14.19 16.87
CA TYR A 25 -5.70 -13.34 15.68
C TYR A 25 -4.49 -13.69 14.84
N PRO A 26 -4.64 -13.61 13.49
CA PRO A 26 -3.48 -13.82 12.62
C PRO A 26 -2.58 -12.62 12.68
N ALA A 27 -1.35 -12.78 12.17
CA ALA A 27 -0.36 -11.69 12.06
C ALA A 27 -0.97 -10.47 11.35
N TYR A 28 -0.73 -9.30 11.91
CA TYR A 28 -1.31 -8.07 11.38
C TYR A 28 -0.33 -7.26 10.57
N TYR A 29 -0.83 -6.70 9.47
CA TYR A 29 0.05 -5.94 8.57
C TYR A 29 -0.38 -4.49 8.46
N PHE A 30 0.60 -3.62 8.42
CA PHE A 30 0.33 -2.19 8.39
C PHE A 30 0.71 -1.63 7.02
N LYS A 31 -0.28 -1.13 6.29
CA LYS A 31 -0.06 -0.46 5.02
C LYS A 31 0.77 0.78 5.34
N VAL A 32 1.98 0.78 4.82
CA VAL A 32 2.95 1.86 5.00
C VAL A 32 2.55 3.12 4.23
N ALA A 33 2.52 4.25 4.94
CA ALA A 33 2.28 5.56 4.36
C ALA A 33 3.42 5.92 3.43
N SER A 34 3.12 6.44 2.25
CA SER A 34 4.20 6.85 1.32
C SER A 34 4.50 8.38 1.29
N ASN A 35 3.46 9.22 1.26
CA ASN A 35 3.75 10.64 1.39
C ASN A 35 3.99 11.00 2.84
N VAL A 36 5.26 10.93 3.22
CA VAL A 36 5.60 11.20 4.61
C VAL A 36 6.58 12.34 4.64
N PRO A 37 6.45 13.21 5.63
CA PRO A 37 7.37 14.29 5.76
C PRO A 37 8.70 13.76 6.24
N THR A 38 9.75 14.49 5.87
CA THR A 38 11.10 14.15 6.29
C THR A 38 11.24 14.68 7.73
N TYR A 39 12.28 14.26 8.44
CA TYR A 39 12.67 14.90 9.71
C TYR A 39 12.73 16.43 9.73
N SER A 40 13.43 17.04 8.77
CA SER A 40 13.48 18.49 8.79
C SER A 40 12.11 19.13 8.52
N ASP A 41 11.25 18.48 7.72
CA ASP A 41 9.90 19.00 7.50
C ASP A 41 9.10 19.09 8.79
N ILE A 42 9.11 18.03 9.62
CA ILE A 42 8.40 18.07 10.91
C ILE A 42 9.04 19.04 11.91
N CYS A 43 10.33 19.38 11.72
CA CYS A 43 10.99 20.34 12.62
C CYS A 43 10.52 21.79 12.46
N GLN A 44 9.89 22.07 11.32
CA GLN A 44 9.47 23.42 10.93
C GLN A 44 7.98 23.59 10.92
N SER A 45 7.28 22.46 10.85
CA SER A 45 5.83 22.36 10.95
C SER A 45 5.28 23.00 12.22
N PHE A 46 5.04 24.30 12.18
CA PHE A 46 4.35 24.96 13.28
C PHE A 46 3.00 24.26 13.49
N SER A 47 2.11 24.28 12.49
CA SER A 47 0.82 23.57 12.56
C SER A 47 0.35 23.14 11.17
N VAL A 48 0.42 21.84 10.92
CA VAL A 48 0.48 21.24 9.57
C VAL A 48 -0.01 19.75 9.61
N MET A 49 -0.92 19.40 8.70
CA MET A 49 -1.49 18.07 8.56
C MET A 49 -0.79 17.20 7.53
N TYR A 50 -0.50 15.95 7.89
CA TYR A 50 0.06 14.95 6.97
C TYR A 50 -0.60 13.67 7.30
N GLN A 51 -1.22 13.04 6.31
CA GLN A 51 -1.80 11.69 6.46
C GLN A 51 -2.75 11.58 7.63
N GLY A 52 -3.59 12.59 7.83
CA GLY A 52 -4.51 12.59 8.95
C GLY A 52 -3.95 12.88 10.33
N PHE A 53 -2.62 12.99 10.45
CA PHE A 53 -1.97 13.44 11.69
C PHE A 53 -1.67 14.94 11.62
N GLN A 54 -2.04 15.67 12.67
CA GLN A 54 -1.63 17.05 12.79
C GLN A 54 -0.29 17.09 13.52
N ILE A 55 0.63 17.88 12.94
CA ILE A 55 1.99 18.03 13.46
C ILE A 55 2.17 19.42 14.04
N VAL A 56 2.61 19.50 15.29
CA VAL A 56 2.93 20.78 15.92
C VAL A 56 4.32 20.80 16.57
N ASN A 57 5.05 21.91 16.39
CA ASN A 57 6.32 22.12 17.06
C ASN A 57 6.30 23.51 17.67
N HIS A 58 5.76 23.58 18.91
CA HIS A 58 5.65 24.83 19.73
C HIS A 58 6.96 24.98 20.51
N SER A 59 7.44 26.19 20.67
CA SER A 59 8.73 26.37 21.34
C SER A 59 8.71 25.99 22.87
N GLY A 60 7.43 25.71 23.31
CA GLY A 60 7.11 25.36 24.69
C GLY A 60 7.74 24.07 25.18
N ASP A 61 8.03 23.15 24.25
CA ASP A 61 8.90 22.07 24.64
C ASP A 61 9.79 21.57 23.49
N VAL A 62 10.64 20.60 23.84
CA VAL A 62 11.67 20.13 22.95
C VAL A 62 11.14 19.09 21.94
N PHE A 63 9.82 18.89 21.90
CA PHE A 63 9.20 17.83 21.09
C PHE A 63 8.40 18.30 19.90
N ILE A 64 8.27 17.41 18.94
CA ILE A 64 7.41 17.66 17.80
C ILE A 64 6.30 16.63 17.95
N HIS A 65 5.07 17.12 18.11
CA HIS A 65 3.91 16.29 18.43
C HIS A 65 3.15 15.89 17.17
N ALA A 66 2.65 14.66 17.17
CA ALA A 66 1.80 14.18 16.09
C ALA A 66 0.53 13.57 16.63
N CYS A 67 -0.59 13.96 16.04
CA CYS A 67 -1.87 13.78 16.69
C CYS A 67 -2.92 13.56 15.61
N ARG A 68 -3.45 12.35 15.55
CA ARG A 68 -4.46 12.01 14.56
C ARG A 68 -5.80 12.61 14.96
N GLU A 69 -6.34 13.43 14.07
CA GLU A 69 -7.53 14.23 14.38
C GLU A 69 -8.83 13.41 14.48
N ASN A 70 -8.80 12.23 13.89
CA ASN A 70 -9.80 11.23 14.12
C ASN A 70 -9.21 10.01 14.80
N PRO A 71 -9.13 10.03 16.15
CA PRO A 71 -8.59 8.89 16.89
C PRO A 71 -9.34 7.57 16.58
N GLN A 72 -8.60 6.48 16.57
CA GLN A 72 -9.18 5.16 16.39
C GLN A 72 -9.51 4.52 17.73
N SER A 73 -8.96 5.12 18.78
CA SER A 73 -9.30 4.73 20.11
C SER A 73 -9.98 5.92 20.75
N LYS A 74 -11.30 5.99 20.62
CA LYS A 74 -12.01 7.20 21.05
C LYS A 74 -12.12 7.49 22.58
N GLY A 75 -11.39 6.80 23.44
CA GLY A 75 -11.43 7.06 24.90
C GLY A 75 -10.16 7.68 25.46
N ASP A 76 -9.99 7.62 26.79
CA ASP A 76 -8.85 8.22 27.53
C ASP A 76 -7.47 7.57 27.31
N PHE A 77 -6.41 8.41 27.35
CA PHE A 77 -5.05 7.98 27.69
C PHE A 77 -5.06 7.67 29.17
N VAL A 78 -4.74 6.44 29.56
CA VAL A 78 -4.95 5.99 30.93
C VAL A 78 -3.61 5.57 31.57
N GLY A 79 -2.49 6.07 31.01
CA GLY A 79 -1.15 5.86 31.56
C GLY A 79 -0.10 5.10 30.75
N ASP A 80 -0.49 4.39 29.70
CA ASP A 80 0.35 3.39 29.03
C ASP A 80 1.06 3.96 27.83
N LYS A 81 2.38 3.78 27.78
CA LYS A 81 3.21 4.36 26.73
C LYS A 81 4.53 3.62 26.47
N PHE A 82 5.08 3.82 25.27
CA PHE A 82 6.34 3.26 24.88
C PHE A 82 7.30 4.36 24.45
N HIS A 83 8.58 4.13 24.68
CA HIS A 83 9.59 5.01 24.17
C HIS A 83 10.33 4.22 23.12
N ILE A 84 10.92 4.89 22.12
CA ILE A 84 11.87 4.24 21.23
C ILE A 84 13.16 4.99 21.45
N SER A 85 14.24 4.26 21.71
CA SER A 85 15.56 4.83 22.04
C SER A 85 16.63 4.52 20.96
N ILE A 86 17.16 5.60 20.37
CA ILE A 86 18.06 5.52 19.24
C ILE A 86 19.35 6.21 19.68
N ALA A 87 20.50 5.80 19.13
CA ALA A 87 21.72 6.62 19.25
C ALA A 87 21.51 8.06 18.72
N ARG A 88 22.12 9.03 19.40
CA ARG A 88 21.81 10.44 19.18
C ARG A 88 21.92 10.86 17.71
N GLU A 89 22.98 10.46 17.03
CA GLU A 89 23.25 10.83 15.63
C GLU A 89 22.43 10.08 14.59
N GLN A 90 21.74 9.01 15.02
CA GLN A 90 20.94 8.18 14.12
C GLN A 90 19.44 8.46 14.25
N VAL A 91 19.12 9.48 15.03
CA VAL A 91 17.74 9.89 15.21
C VAL A 91 16.94 10.31 13.96
N PRO A 92 17.42 11.32 13.19
CA PRO A 92 16.68 11.62 11.96
C PRO A 92 16.54 10.46 10.99
N LEU A 93 17.62 9.68 10.85
CA LEU A 93 17.59 8.47 10.02
C LEU A 93 16.51 7.53 10.48
N ALA A 94 16.46 7.25 11.78
CA ALA A 94 15.50 6.37 12.37
C ALA A 94 14.08 6.86 12.18
N PHE A 95 13.88 8.17 12.19
CA PHE A 95 12.59 8.71 11.91
C PHE A 95 12.21 8.41 10.46
N GLN A 96 13.13 8.56 9.54
CA GLN A 96 12.81 8.32 8.13
C GLN A 96 12.45 6.87 7.91
N ILE A 97 13.18 6.00 8.58
CA ILE A 97 12.89 4.59 8.55
C ILE A 97 11.51 4.25 9.17
N LEU A 98 11.17 4.93 10.25
CA LEU A 98 9.92 4.67 10.95
C LEU A 98 8.70 5.50 10.51
N SER A 99 8.88 6.50 9.65
CA SER A 99 7.78 7.44 9.40
C SER A 99 6.61 6.75 8.71
N GLY A 100 6.92 5.83 7.81
CA GLY A 100 5.88 5.10 7.10
C GLY A 100 4.95 4.34 8.02
N LEU A 101 5.47 3.89 9.17
CA LEU A 101 4.70 3.15 10.15
C LEU A 101 3.96 4.09 11.06
N LEU A 102 4.70 5.04 11.64
CA LEU A 102 4.10 6.09 12.46
C LEU A 102 3.00 6.92 11.77
N PHE A 103 3.01 7.05 10.45
CA PHE A 103 1.93 7.77 9.77
C PHE A 103 0.95 6.86 9.07
N SER A 104 1.00 5.55 9.36
CA SER A 104 0.18 4.57 8.64
C SER A 104 -1.27 4.67 9.09
N GLU A 105 -2.19 4.45 8.17
CA GLU A 105 -3.59 4.58 8.57
C GLU A 105 -4.03 3.39 9.44
N ASP A 106 -3.21 2.33 9.42
CA ASP A 106 -3.35 1.14 10.24
C ASP A 106 -2.68 1.15 11.61
N SER A 107 -1.82 2.15 11.86
CA SER A 107 -1.13 2.21 13.14
C SER A 107 -2.14 2.30 14.26
N PRO A 108 -1.89 1.62 15.39
CA PRO A 108 -2.81 1.76 16.54
C PRO A 108 -2.44 2.95 17.49
N ILE A 109 -1.52 3.82 17.07
CA ILE A 109 -1.05 4.87 17.92
C ILE A 109 -1.60 6.18 17.37
N ASP A 110 -2.54 6.80 18.10
CA ASP A 110 -3.14 8.05 17.64
C ASP A 110 -2.34 9.30 17.97
N LYS A 111 -1.46 9.22 18.97
CA LYS A 111 -0.64 10.35 19.43
C LYS A 111 0.83 9.88 19.66
N TRP A 112 1.78 10.55 19.02
CA TRP A 112 3.18 10.36 19.36
C TRP A 112 3.91 11.68 19.38
N LYS A 113 5.13 11.66 19.90
CA LYS A 113 6.03 12.82 19.74
C LYS A 113 7.47 12.38 19.49
N ILE A 114 8.28 13.30 19.01
CA ILE A 114 9.69 13.04 18.79
C ILE A 114 10.52 14.27 19.15
N THR A 115 11.61 14.04 19.86
CA THR A 115 12.60 15.08 20.18
C THR A 115 13.07 15.78 18.93
N ASP A 116 13.13 17.10 19.01
CA ASP A 116 13.67 17.99 18.00
C ASP A 116 15.17 18.15 18.29
N MET A 117 15.97 17.27 17.68
CA MET A 117 17.45 17.27 17.75
C MET A 117 18.20 18.60 17.68
N ASN A 118 17.52 19.68 17.25
CA ASN A 118 18.11 21.05 17.17
C ASN A 118 17.86 21.86 18.43
N ARG A 119 16.77 21.56 19.14
CA ARG A 119 16.44 22.24 20.39
C ARG A 119 17.10 21.61 21.63
N VAL A 120 17.50 20.34 21.55
CA VAL A 120 17.96 19.56 22.71
C VAL A 120 19.43 19.80 23.26
N SER A 121 19.69 19.40 24.53
CA SER A 121 21.07 19.26 25.14
C SER A 121 21.62 17.85 24.91
N VAL A 126 17.03 13.38 27.27
CA VAL A 126 15.99 12.89 26.34
C VAL A 126 16.44 13.11 24.86
N GLY A 127 17.74 13.42 24.72
CA GLY A 127 18.47 13.42 23.45
C GLY A 127 19.43 12.24 23.25
N ILE A 128 19.77 11.56 24.37
CA ILE A 128 20.59 10.32 24.42
C ILE A 128 19.76 9.03 24.23
N GLY A 129 18.46 9.11 24.50
CA GLY A 129 17.56 7.94 24.40
C GLY A 129 16.15 8.46 24.47
N ALA A 130 15.14 7.59 24.42
CA ALA A 130 13.72 7.99 24.52
C ALA A 130 13.26 9.13 23.60
N GLN A 131 13.72 9.13 22.35
CA GLN A 131 13.48 10.27 21.45
C GLN A 131 12.11 10.21 20.81
N PHE A 132 11.47 9.04 20.82
CA PHE A 132 10.11 8.85 20.36
C PHE A 132 9.31 8.40 21.56
N THR A 133 8.09 8.94 21.73
CA THR A 133 7.15 8.50 22.74
C THR A 133 5.90 8.17 21.97
N LEU A 134 5.32 7.01 22.29
CA LEU A 134 4.13 6.48 21.67
C LEU A 134 3.03 6.32 22.71
N TYR A 135 1.95 7.10 22.60
CA TYR A 135 0.89 7.07 23.62
C TYR A 135 -0.25 6.15 23.24
N VAL A 136 -0.58 5.24 24.15
CA VAL A 136 -1.68 4.31 23.99
C VAL A 136 -2.92 4.89 24.66
N LYS A 137 -4.00 5.01 23.90
CA LYS A 137 -5.31 5.36 24.45
C LYS A 137 -6.27 4.20 24.43
N SER A 138 -7.27 4.27 25.27
CA SER A 138 -8.25 3.23 25.37
C SER A 138 -9.29 3.43 24.28
N ASP A 139 -9.96 2.34 23.91
CA ASP A 139 -11.00 2.33 22.86
C ASP A 139 -12.28 1.70 23.37
N GLN A 140 -12.31 1.29 24.62
CA GLN A 140 -13.51 0.67 25.16
C GLN A 140 -14.08 1.50 26.30
N GLU A 141 -15.19 1.05 26.85
CA GLU A 141 -15.73 1.64 28.08
C GLU A 141 -14.83 1.24 29.25
N CYS A 142 -14.96 1.98 30.35
CA CYS A 142 -14.17 1.81 31.58
C CYS A 142 -12.70 1.97 31.34
N SER A 143 -12.37 2.89 30.44
CA SER A 143 -11.01 3.12 30.00
C SER A 143 -10.22 1.83 29.63
N GLN A 144 -10.90 0.84 29.05
CA GLN A 144 -10.32 -0.48 28.79
C GLN A 144 -9.78 -0.65 27.38
N TYR A 145 -9.04 -1.72 27.19
CA TYR A 145 -8.47 -2.05 25.91
C TYR A 145 -9.13 -3.25 25.30
N SER A 146 -9.46 -3.16 24.01
CA SER A 146 -9.98 -4.29 23.30
C SER A 146 -8.84 -5.18 22.92
N ALA A 147 -9.13 -6.46 22.71
CA ALA A 147 -8.13 -7.41 22.29
C ALA A 147 -7.43 -7.12 20.94
N LEU A 148 -8.15 -6.46 20.02
CA LEU A 148 -7.66 -6.20 18.68
C LEU A 148 -6.68 -5.11 18.79
N LEU A 149 -7.06 -4.09 19.57
CA LEU A 149 -6.17 -2.95 19.81
C LEU A 149 -4.85 -3.49 20.33
N LEU A 150 -4.92 -4.26 21.41
CA LEU A 150 -3.75 -4.86 22.03
C LEU A 150 -2.94 -5.74 21.11
N HIS A 151 -3.61 -6.47 20.24
CA HIS A 151 -2.94 -7.24 19.23
C HIS A 151 -2.23 -6.28 18.28
N LYS A 152 -2.97 -5.31 17.73
CA LYS A 152 -2.40 -4.30 16.85
C LYS A 152 -1.16 -3.66 17.47
N ILE A 153 -1.23 -3.23 18.72
CA ILE A 153 -0.05 -2.67 19.38
C ILE A 153 1.12 -3.68 19.47
N ARG A 154 0.85 -4.94 19.84
CA ARG A 154 1.91 -5.96 19.92
C ARG A 154 2.64 -6.10 18.60
N GLN A 155 1.85 -6.24 17.54
CA GLN A 155 2.32 -6.39 16.16
C GLN A 155 3.12 -5.18 15.68
N PHE A 156 2.67 -4.00 16.07
CA PHE A 156 3.28 -2.77 15.65
C PHE A 156 4.67 -2.65 16.26
N ILE A 157 4.82 -2.94 17.56
CA ILE A 157 6.12 -2.86 18.24
C ILE A 157 7.11 -3.82 17.55
N MET A 158 6.66 -5.04 17.32
CA MET A 158 7.45 -6.04 16.63
C MET A 158 7.97 -5.47 15.30
N CYS A 159 7.12 -4.70 14.66
CA CYS A 159 7.39 -4.18 13.35
C CYS A 159 8.32 -2.96 13.35
N LEU A 160 8.13 -2.05 14.28
CA LEU A 160 9.16 -1.07 14.59
C LEU A 160 10.51 -1.71 14.88
N GLU A 161 10.57 -2.61 15.86
CA GLU A 161 11.81 -3.35 16.23
C GLU A 161 12.51 -3.89 14.98
N SER A 162 11.75 -4.59 14.17
CA SER A 162 12.23 -5.29 13.00
C SER A 162 12.81 -4.33 11.94
N ASN A 163 12.18 -3.19 11.76
CA ASN A 163 12.64 -2.24 10.76
C ASN A 163 13.92 -1.55 11.18
N LEU A 164 14.04 -1.24 12.47
CA LEU A 164 15.26 -0.64 13.01
C LEU A 164 16.40 -1.60 12.97
N LEU A 165 16.16 -2.85 13.39
CA LEU A 165 17.22 -3.84 13.44
C LEU A 165 17.77 -4.15 12.04
N ARG A 166 16.91 -4.13 11.06
CA ARG A 166 17.35 -4.58 9.77
C ARG A 166 17.98 -3.50 8.94
N SER A 167 17.77 -2.27 9.35
CA SER A 167 18.61 -1.18 8.84
C SER A 167 19.84 -0.93 9.73
N LYS A 168 20.06 -1.82 10.71
CA LYS A 168 21.23 -1.81 11.61
C LYS A 168 21.41 -0.50 12.36
N ILE A 169 20.31 0.07 12.80
CA ILE A 169 20.27 1.26 13.61
C ILE A 169 20.79 1.00 15.03
N ALA A 170 21.60 1.93 15.55
CA ALA A 170 22.14 1.80 16.89
C ALA A 170 21.08 2.20 17.90
N PRO A 171 20.84 1.34 18.92
CA PRO A 171 20.02 1.67 20.08
C PRO A 171 20.63 2.78 20.93
N GLY A 172 19.79 3.56 21.60
CA GLY A 172 20.27 4.59 22.49
C GLY A 172 20.09 4.11 23.90
N GLU A 173 19.97 5.05 24.83
CA GLU A 173 19.92 4.71 26.24
C GLU A 173 18.47 4.79 26.76
N TYR A 174 17.93 3.68 27.21
CA TYR A 174 16.53 3.61 27.68
C TYR A 174 16.46 4.32 28.99
N PRO A 175 15.30 4.94 29.28
CA PRO A 175 15.18 5.55 30.60
C PRO A 175 15.11 4.48 31.68
N ALA A 176 15.80 4.73 32.79
CA ALA A 176 15.82 3.85 33.95
C ALA A 176 14.44 3.46 34.44
N SER A 177 13.47 4.38 34.27
CA SER A 177 12.06 4.20 34.62
C SER A 177 11.38 3.06 33.82
N ASP A 178 11.83 2.80 32.61
CA ASP A 178 11.15 1.91 31.72
C ASP A 178 11.50 0.45 31.95
N VAL A 179 10.60 -0.43 31.50
CA VAL A 179 10.86 -1.87 31.41
C VAL A 179 10.81 -2.35 29.96
N ARG A 180 11.56 -3.40 29.69
CA ARG A 180 11.58 -4.03 28.37
C ARG A 180 12.02 -5.46 28.54
N PRO A 181 11.53 -6.36 27.67
CA PRO A 181 12.13 -7.67 27.62
C PRO A 181 13.44 -7.61 26.85
N GLU A 182 14.23 -8.68 26.94
CA GLU A 182 15.56 -8.67 26.37
C GLU A 182 15.54 -8.67 24.84
N ASP A 183 14.45 -9.19 24.26
CA ASP A 183 14.26 -9.16 22.80
C ASP A 183 13.78 -7.83 22.22
N TRP A 184 13.57 -6.80 23.06
CA TRP A 184 13.39 -5.46 22.51
C TRP A 184 14.70 -4.76 22.60
N LYS A 185 15.15 -4.27 21.45
CA LYS A 185 16.44 -3.60 21.37
C LYS A 185 16.31 -2.08 21.35
N TYR A 186 15.12 -1.60 20.96
CA TYR A 186 14.89 -0.16 20.80
C TYR A 186 13.69 0.31 21.65
N VAL A 187 12.66 -0.53 21.76
CA VAL A 187 11.41 -0.14 22.43
C VAL A 187 11.45 -0.40 23.95
N SER A 188 10.85 0.48 24.73
CA SER A 188 10.70 0.22 26.17
C SER A 188 9.37 0.75 26.67
N TYR A 189 8.90 0.25 27.82
CA TYR A 189 7.57 0.56 28.30
C TYR A 189 7.55 1.30 29.64
N ARG A 190 6.59 2.22 29.75
CA ARG A 190 6.30 2.88 31.01
C ARG A 190 4.79 3.09 31.22
N ASN A 191 4.31 2.87 32.45
CA ASN A 191 3.07 3.46 32.93
C ASN A 191 3.31 4.65 33.90
N GLU A 192 2.88 5.86 33.49
CA GLU A 192 2.93 7.05 34.33
C GLU A 192 2.29 6.94 35.71
N LEU A 193 1.07 6.39 35.82
CA LEU A 193 0.41 6.28 37.14
C LEU A 193 1.26 5.55 38.17
N ARG A 194 1.92 4.46 37.75
CA ARG A 194 2.79 3.69 38.65
C ARG A 194 4.15 4.37 38.81
N SER A 195 4.40 4.94 39.99
CA SER A 195 5.61 5.72 40.32
C SER A 195 6.99 5.18 39.91
N MET A 206 8.17 -3.84 40.00
CA MET A 206 6.77 -4.23 39.98
C MET A 206 6.02 -3.55 38.83
N LEU A 207 6.77 -2.88 37.94
CA LEU A 207 6.23 -2.30 36.70
C LEU A 207 6.05 -3.38 35.63
N ARG A 208 6.84 -4.45 35.76
CA ARG A 208 6.70 -5.68 34.96
C ARG A 208 5.43 -6.48 35.28
N GLU A 209 4.77 -6.16 36.38
CA GLU A 209 3.52 -6.82 36.74
C GLU A 209 2.30 -6.20 36.08
N GLU A 210 2.42 -4.94 35.61
CA GLU A 210 1.34 -4.23 34.89
C GLU A 210 0.60 -5.13 33.87
N PRO A 211 -0.71 -5.32 34.07
CA PRO A 211 -1.56 -6.06 33.14
C PRO A 211 -1.20 -5.80 31.67
N PHE A 212 -1.35 -4.56 31.24
CA PHE A 212 -0.97 -4.11 29.91
C PHE A 212 0.37 -4.65 29.44
N TYR A 213 1.40 -4.54 30.29
CA TYR A 213 2.76 -4.94 29.89
C TYR A 213 2.91 -6.43 29.67
N ARG A 214 2.27 -7.18 30.57
CA ARG A 214 2.24 -8.63 30.50
C ARG A 214 1.66 -9.06 29.17
N LEU A 215 0.58 -8.41 28.76
CA LEU A 215 -0.02 -8.68 27.45
C LEU A 215 0.87 -8.33 26.25
N MET A 216 1.86 -7.48 26.47
CA MET A 216 2.73 -7.06 25.39
C MET A 216 3.80 -8.10 25.04
N ILE A 217 4.28 -8.80 26.07
CA ILE A 217 5.51 -9.58 25.98
C ILE A 217 5.30 -11.10 26.09
N GLU A 218 4.26 -11.53 26.81
CA GLU A 218 4.09 -12.94 27.04
C GLU A 218 3.45 -13.61 25.83
N SER B 6 -13.95 -9.44 13.42
CA SER B 6 -14.84 -8.46 12.76
C SER B 6 -14.65 -8.56 11.26
N ALA B 7 -15.65 -8.10 10.50
CA ALA B 7 -15.65 -8.24 9.01
C ALA B 7 -14.78 -7.28 8.31
N ASN B 8 -14.85 -6.01 8.71
CA ASN B 8 -14.09 -5.02 7.96
C ASN B 8 -12.60 -5.18 8.21
N GLU B 9 -12.26 -5.48 9.47
CA GLU B 9 -10.98 -6.06 9.87
C GLU B 9 -10.49 -7.28 9.07
N ARG B 10 -11.40 -8.20 8.70
CA ARG B 10 -11.03 -9.28 7.78
C ARG B 10 -10.50 -8.71 6.47
N LEU B 11 -11.33 -7.93 5.78
CA LEU B 11 -11.01 -7.39 4.46
C LEU B 11 -9.78 -6.50 4.44
N LYS B 12 -9.70 -5.62 5.45
CA LYS B 12 -8.63 -4.64 5.61
C LYS B 12 -7.32 -5.36 5.75
N ASN B 13 -7.28 -6.34 6.64
CA ASN B 13 -6.09 -7.18 6.81
C ASN B 13 -5.68 -7.97 5.57
N ASN B 14 -6.65 -8.54 4.84
CA ASN B 14 -6.35 -9.28 3.61
C ASN B 14 -5.86 -8.39 2.45
N PHE B 15 -6.36 -7.17 2.44
CA PHE B 15 -5.87 -6.14 1.56
C PHE B 15 -4.41 -5.74 1.90
N ASN B 16 -4.12 -5.60 3.19
CA ASN B 16 -2.81 -5.16 3.62
C ASN B 16 -1.80 -6.28 3.42
N ILE B 17 -2.26 -7.54 3.56
CA ILE B 17 -1.48 -8.75 3.25
C ILE B 17 -0.99 -8.60 1.81
N LEU B 18 -1.93 -8.39 0.90
CA LEU B 18 -1.66 -8.24 -0.52
C LEU B 18 -0.76 -7.07 -0.83
N TYR B 19 -1.06 -5.92 -0.22
CA TYR B 19 -0.37 -4.66 -0.45
C TYR B 19 1.12 -4.69 -0.10
N ASN B 20 1.43 -5.16 1.10
CA ASN B 20 2.80 -5.29 1.55
C ASN B 20 3.64 -6.32 0.80
N GLN B 21 2.99 -7.37 0.29
CA GLN B 21 3.68 -8.41 -0.47
C GLN B 21 4.13 -7.89 -1.84
N ILE B 22 3.26 -7.11 -2.50
CA ILE B 22 3.58 -6.40 -3.74
C ILE B 22 4.84 -5.51 -3.64
N ARG B 23 4.98 -4.84 -2.51
CA ARG B 23 6.11 -3.95 -2.30
C ARG B 23 7.39 -4.71 -1.91
N GLN B 24 7.27 -5.99 -1.54
CA GLN B 24 8.44 -6.85 -1.30
C GLN B 24 9.18 -7.32 -2.55
N TYR B 25 8.47 -7.41 -3.67
CA TYR B 25 9.04 -7.92 -4.90
C TYR B 25 9.89 -6.86 -5.59
N PRO B 26 11.02 -7.30 -6.19
CA PRO B 26 11.84 -6.40 -6.98
C PRO B 26 11.13 -6.07 -8.29
N ALA B 27 11.61 -5.02 -8.96
CA ALA B 27 11.12 -4.59 -10.27
C ALA B 27 11.12 -5.75 -11.27
N TYR B 28 10.01 -5.92 -11.99
CA TYR B 28 9.82 -7.01 -12.94
C TYR B 28 10.07 -6.62 -14.39
N TYR B 29 10.69 -7.52 -15.13
CA TYR B 29 11.06 -7.28 -16.52
C TYR B 29 10.44 -8.29 -17.41
N PHE B 30 9.84 -7.81 -18.47
CA PHE B 30 9.11 -8.65 -19.41
C PHE B 30 9.99 -8.94 -20.63
N LYS B 31 10.13 -10.22 -20.97
CA LYS B 31 10.90 -10.62 -22.14
C LYS B 31 10.09 -10.21 -23.36
N VAL B 32 10.65 -9.33 -24.18
CA VAL B 32 9.88 -8.79 -25.26
C VAL B 32 9.79 -9.77 -26.41
N ALA B 33 8.57 -10.00 -26.88
CA ALA B 33 8.32 -10.76 -28.10
C ALA B 33 8.86 -10.05 -29.36
N SER B 34 9.57 -10.76 -30.24
CA SER B 34 10.13 -10.18 -31.44
C SER B 34 9.43 -10.58 -32.75
N ASN B 35 9.02 -11.85 -32.87
CA ASN B 35 8.13 -12.24 -33.97
C ASN B 35 6.67 -11.83 -33.70
N VAL B 36 6.38 -10.57 -34.04
CA VAL B 36 5.09 -10.01 -33.77
C VAL B 36 4.46 -9.55 -35.06
N PRO B 37 3.15 -9.75 -35.19
CA PRO B 37 2.43 -9.25 -36.36
C PRO B 37 2.37 -7.72 -36.33
N THR B 38 2.29 -7.13 -37.51
CA THR B 38 2.05 -5.70 -37.64
C THR B 38 0.55 -5.47 -37.46
N TYR B 39 0.14 -4.21 -37.34
CA TYR B 39 -1.27 -3.86 -37.25
C TYR B 39 -2.16 -4.33 -38.42
N SER B 40 -1.68 -4.21 -39.66
CA SER B 40 -2.48 -4.73 -40.76
C SER B 40 -2.57 -6.27 -40.77
N ASP B 41 -1.54 -6.95 -40.25
CA ASP B 41 -1.56 -8.42 -40.14
C ASP B 41 -2.70 -8.90 -39.21
N ILE B 42 -2.86 -8.24 -38.06
CA ILE B 42 -3.93 -8.62 -37.14
C ILE B 42 -5.34 -8.23 -37.62
N CYS B 43 -5.40 -7.24 -38.51
CA CYS B 43 -6.66 -6.82 -39.16
C CYS B 43 -7.26 -7.89 -40.10
N GLN B 44 -6.43 -8.84 -40.54
CA GLN B 44 -6.81 -9.83 -41.53
C GLN B 44 -6.80 -11.22 -40.94
N VAL B 48 -5.81 -17.34 -36.37
CA VAL B 48 -4.35 -17.25 -36.57
C VAL B 48 -3.59 -17.12 -35.23
N MET B 49 -2.65 -18.03 -34.99
CA MET B 49 -1.83 -18.02 -33.78
C MET B 49 -0.52 -17.24 -33.97
N TYR B 50 -0.21 -16.35 -33.02
CA TYR B 50 1.12 -15.73 -32.88
C TYR B 50 1.54 -15.77 -31.44
N GLN B 51 2.73 -16.30 -31.16
CA GLN B 51 3.35 -16.28 -29.83
C GLN B 51 2.45 -16.78 -28.72
N GLY B 52 1.72 -17.84 -28.99
CA GLY B 52 0.82 -18.42 -28.00
C GLY B 52 -0.57 -17.79 -27.90
N PHE B 53 -0.76 -16.63 -28.52
CA PHE B 53 -2.03 -15.93 -28.57
C PHE B 53 -2.77 -16.23 -29.88
N GLN B 54 -4.02 -16.66 -29.78
CA GLN B 54 -4.88 -16.84 -30.94
C GLN B 54 -5.57 -15.52 -31.28
N ILE B 55 -5.49 -15.14 -32.55
CA ILE B 55 -5.99 -13.84 -33.01
C ILE B 55 -7.23 -14.07 -33.84
N VAL B 56 -8.33 -13.42 -33.46
CA VAL B 56 -9.56 -13.50 -34.27
C VAL B 56 -10.10 -12.07 -34.60
N ASN B 57 -10.54 -11.88 -35.84
CA ASN B 57 -11.26 -10.66 -36.26
C ASN B 57 -12.55 -11.10 -36.99
N HIS B 58 -13.59 -11.38 -36.19
CA HIS B 58 -14.92 -11.74 -36.70
C HIS B 58 -15.67 -10.46 -36.98
N SER B 59 -16.42 -10.43 -38.08
CA SER B 59 -17.18 -9.22 -38.48
C SER B 59 -18.24 -8.79 -37.42
N GLY B 60 -18.48 -9.69 -36.44
CA GLY B 60 -19.43 -9.52 -35.34
C GLY B 60 -19.21 -8.33 -34.43
N ASP B 61 -17.97 -7.85 -34.39
CA ASP B 61 -17.70 -6.57 -33.74
C ASP B 61 -16.47 -5.87 -34.32
N VAL B 62 -16.32 -4.63 -33.91
CA VAL B 62 -15.27 -3.75 -34.39
C VAL B 62 -13.85 -4.09 -33.79
N PHE B 63 -13.74 -5.19 -33.04
CA PHE B 63 -12.48 -5.55 -32.38
C PHE B 63 -11.72 -6.72 -32.97
N ILE B 64 -10.42 -6.73 -32.68
CA ILE B 64 -9.53 -7.81 -33.00
C ILE B 64 -9.15 -8.42 -31.66
N HIS B 65 -9.53 -9.68 -31.48
CA HIS B 65 -9.34 -10.37 -30.22
C HIS B 65 -8.06 -11.20 -30.15
N ALA B 66 -7.38 -11.14 -29.01
CA ALA B 66 -6.21 -11.93 -28.76
C ALA B 66 -6.39 -12.68 -27.48
N CYS B 67 -6.09 -13.96 -27.55
CA CYS B 67 -6.42 -14.88 -26.49
C CYS B 67 -5.35 -15.97 -26.37
N ARG B 68 -4.70 -16.02 -25.21
CA ARG B 68 -3.64 -17.01 -24.99
C ARG B 68 -4.28 -18.34 -24.64
N GLU B 69 -4.05 -19.34 -25.49
CA GLU B 69 -4.70 -20.62 -25.38
C GLU B 69 -4.28 -21.40 -24.11
N ASN B 70 -3.15 -21.02 -23.52
CA ASN B 70 -2.78 -21.52 -22.19
C ASN B 70 -2.73 -20.42 -21.16
N PRO B 71 -3.88 -20.09 -20.53
CA PRO B 71 -3.93 -18.99 -19.55
C PRO B 71 -2.92 -19.14 -18.40
N GLN B 72 -2.39 -18.03 -17.91
CA GLN B 72 -1.50 -18.06 -16.75
C GLN B 72 -2.31 -17.69 -15.50
N GLY B 75 -8.45 -19.32 -13.73
CA GLY B 75 -9.73 -18.94 -13.11
C GLY B 75 -10.45 -17.79 -13.82
N ASP B 76 -11.50 -17.26 -13.17
CA ASP B 76 -12.46 -16.32 -13.79
C ASP B 76 -12.01 -14.87 -14.07
N PHE B 77 -12.52 -14.32 -15.18
CA PHE B 77 -12.62 -12.88 -15.33
C PHE B 77 -13.66 -12.43 -14.32
N VAL B 78 -13.28 -11.55 -13.42
CA VAL B 78 -14.14 -11.18 -12.31
C VAL B 78 -14.44 -9.65 -12.33
N GLY B 79 -14.27 -9.01 -13.49
CA GLY B 79 -14.67 -7.62 -13.67
C GLY B 79 -13.55 -6.62 -14.03
N ASP B 80 -12.31 -6.99 -13.75
CA ASP B 80 -11.25 -6.01 -13.74
C ASP B 80 -10.59 -5.88 -15.11
N LYS B 81 -10.58 -4.65 -15.63
CA LYS B 81 -9.96 -4.36 -16.94
C LYS B 81 -9.34 -2.95 -17.09
N PHE B 82 -8.48 -2.81 -18.09
CA PHE B 82 -7.81 -1.58 -18.38
C PHE B 82 -8.06 -1.24 -19.83
N HIS B 83 -8.13 0.06 -20.11
CA HIS B 83 -8.14 0.53 -21.49
C HIS B 83 -6.84 1.25 -21.75
N ILE B 84 -6.35 1.20 -22.96
CA ILE B 84 -5.29 2.09 -23.36
C ILE B 84 -5.86 3.02 -24.41
N SER B 85 -5.73 4.33 -24.17
CA SER B 85 -6.28 5.40 -25.05
C SER B 85 -5.18 6.15 -25.85
N ILE B 86 -5.27 6.05 -27.17
CA ILE B 86 -4.30 6.61 -28.09
C ILE B 86 -5.06 7.55 -29.00
N ALA B 87 -4.38 8.59 -29.48
CA ALA B 87 -4.84 9.44 -30.54
C ALA B 87 -5.21 8.61 -31.77
N ARG B 88 -6.39 8.91 -32.36
CA ARG B 88 -6.97 8.10 -33.45
C ARG B 88 -5.93 7.71 -34.52
N GLU B 89 -5.22 8.70 -35.09
CA GLU B 89 -4.21 8.46 -36.13
C GLU B 89 -2.92 7.72 -35.69
N GLN B 90 -2.67 7.60 -34.41
CA GLN B 90 -1.40 7.05 -33.94
C GLN B 90 -1.55 5.65 -33.40
N VAL B 91 -2.76 5.10 -33.56
CA VAL B 91 -3.11 3.75 -33.10
C VAL B 91 -2.28 2.60 -33.76
N PRO B 92 -2.13 2.54 -35.12
CA PRO B 92 -1.27 1.47 -35.65
C PRO B 92 0.18 1.50 -35.17
N LEU B 93 0.72 2.69 -35.07
CA LEU B 93 2.08 2.87 -34.57
C LEU B 93 2.21 2.53 -33.10
N ALA B 94 1.17 2.82 -32.28
CA ALA B 94 1.20 2.48 -30.85
C ALA B 94 1.11 0.99 -30.66
N PHE B 95 0.35 0.33 -31.52
CA PHE B 95 0.25 -1.10 -31.47
C PHE B 95 1.64 -1.68 -31.74
N GLN B 96 2.34 -1.15 -32.72
CA GLN B 96 3.64 -1.73 -33.06
C GLN B 96 4.63 -1.51 -31.92
N ILE B 97 4.53 -0.37 -31.23
CA ILE B 97 5.38 -0.09 -30.08
C ILE B 97 4.99 -1.02 -28.93
N LEU B 98 3.70 -1.33 -28.81
CA LEU B 98 3.24 -2.11 -27.69
C LEU B 98 3.28 -3.60 -27.93
N SER B 99 3.43 -4.03 -29.18
CA SER B 99 3.16 -5.44 -29.54
C SER B 99 4.12 -6.40 -28.88
N GLY B 100 5.34 -5.94 -28.63
CA GLY B 100 6.36 -6.77 -28.01
C GLY B 100 6.03 -7.12 -26.58
N LEU B 101 5.28 -6.22 -25.93
CA LEU B 101 4.77 -6.42 -24.57
C LEU B 101 3.48 -7.23 -24.56
N LEU B 102 2.50 -6.84 -25.36
CA LEU B 102 1.24 -7.54 -25.44
C LEU B 102 1.35 -9.00 -25.88
N PHE B 103 2.37 -9.36 -26.65
CA PHE B 103 2.60 -10.77 -27.00
C PHE B 103 3.72 -11.44 -26.17
N SER B 104 4.16 -10.77 -25.11
CA SER B 104 5.25 -11.29 -24.30
C SER B 104 4.83 -12.56 -23.54
N GLU B 105 5.70 -13.54 -23.47
CA GLU B 105 5.39 -14.71 -22.68
C GLU B 105 5.33 -14.41 -21.16
N ASP B 106 5.90 -13.27 -20.73
CA ASP B 106 5.79 -12.84 -19.33
C ASP B 106 4.56 -11.96 -19.05
N SER B 107 3.79 -11.58 -20.09
CA SER B 107 2.68 -10.67 -19.90
C SER B 107 1.69 -11.30 -18.96
N PRO B 108 1.16 -10.52 -18.01
CA PRO B 108 0.12 -11.10 -17.12
C PRO B 108 -1.29 -11.04 -17.72
N ILE B 109 -1.41 -10.65 -19.00
CA ILE B 109 -2.71 -10.41 -19.59
C ILE B 109 -2.97 -11.51 -20.60
N ASP B 110 -3.93 -12.37 -20.33
CA ASP B 110 -4.14 -13.50 -21.21
C ASP B 110 -5.12 -13.19 -22.31
N LYS B 111 -5.94 -12.18 -22.11
CA LYS B 111 -6.93 -11.79 -23.10
C LYS B 111 -6.94 -10.28 -23.28
N TRP B 112 -6.73 -9.82 -24.52
CA TRP B 112 -6.88 -8.43 -24.86
C TRP B 112 -7.57 -8.25 -26.20
N LYS B 113 -8.06 -7.03 -26.46
CA LYS B 113 -8.68 -6.67 -27.74
C LYS B 113 -8.25 -5.29 -28.20
N ILE B 114 -8.22 -5.08 -29.53
CA ILE B 114 -7.90 -3.79 -30.12
C ILE B 114 -8.85 -3.48 -31.26
N THR B 115 -9.39 -2.26 -31.24
CA THR B 115 -10.22 -1.69 -32.31
C THR B 115 -9.57 -1.82 -33.67
N ASP B 116 -10.36 -2.24 -34.64
CA ASP B 116 -9.99 -2.32 -36.04
C ASP B 116 -10.35 -0.95 -36.64
N MET B 117 -9.35 -0.07 -36.74
CA MET B 117 -9.49 1.29 -37.31
C MET B 117 -10.21 1.43 -38.67
N ASN B 118 -10.30 0.31 -39.40
CA ASN B 118 -10.96 0.27 -40.71
C ASN B 118 -12.45 0.03 -40.58
N ARG B 119 -12.86 -0.63 -39.50
CA ARG B 119 -14.27 -0.91 -39.28
C ARG B 119 -14.99 0.19 -38.49
N VAL B 120 -14.25 1.14 -37.92
CA VAL B 120 -14.78 2.06 -36.88
C VAL B 120 -15.26 3.44 -37.37
N SER B 121 -16.21 4.04 -36.63
CA SER B 121 -16.68 5.43 -36.82
C SER B 121 -15.72 6.49 -36.27
N GLN B 122 -15.80 7.70 -36.83
CA GLN B 122 -14.78 8.75 -36.67
C GLN B 122 -14.76 9.32 -35.27
N GLN B 123 -15.96 9.69 -34.82
CA GLN B 123 -16.21 10.27 -33.52
C GLN B 123 -16.57 9.18 -32.49
N SER B 124 -16.34 7.91 -32.82
CA SER B 124 -16.71 6.79 -31.96
C SER B 124 -15.93 6.80 -30.64
N ARG B 125 -16.61 6.63 -29.50
CA ARG B 125 -15.98 6.58 -28.15
C ARG B 125 -14.92 5.52 -28.15
N VAL B 126 -15.06 4.58 -29.08
CA VAL B 126 -14.09 3.52 -29.10
C VAL B 126 -13.00 3.61 -30.21
N GLY B 127 -13.10 4.63 -31.06
CA GLY B 127 -12.07 4.97 -32.06
C GLY B 127 -11.30 6.24 -31.70
N ILE B 128 -11.95 7.11 -30.92
CA ILE B 128 -11.32 8.32 -30.37
C ILE B 128 -10.35 8.07 -29.16
N GLY B 129 -10.46 6.90 -28.54
CA GLY B 129 -9.73 6.51 -27.32
C GLY B 129 -10.09 5.05 -27.02
N ALA B 130 -9.70 4.52 -25.86
CA ALA B 130 -10.02 3.13 -25.44
C ALA B 130 -9.90 2.05 -26.53
N GLN B 131 -8.84 2.15 -27.33
CA GLN B 131 -8.66 1.29 -28.48
C GLN B 131 -8.11 -0.07 -28.10
N PHE B 132 -7.46 -0.17 -26.95
CA PHE B 132 -6.99 -1.47 -26.45
C PHE B 132 -7.83 -1.75 -25.22
N THR B 133 -8.20 -3.00 -25.04
CA THR B 133 -8.78 -3.42 -23.75
C THR B 133 -7.93 -4.53 -23.18
N LEU B 134 -7.57 -4.42 -21.91
CA LEU B 134 -6.79 -5.46 -21.26
C LEU B 134 -7.57 -6.15 -20.11
N TYR B 135 -7.93 -7.41 -20.31
CA TYR B 135 -8.73 -8.14 -19.34
C TYR B 135 -7.90 -8.90 -18.30
N VAL B 136 -8.15 -8.61 -17.03
CA VAL B 136 -7.49 -9.32 -15.96
C VAL B 136 -8.35 -10.51 -15.54
N LYS B 137 -7.75 -11.68 -15.47
CA LYS B 137 -8.40 -12.86 -14.89
C LYS B 137 -7.73 -13.19 -13.55
N SER B 138 -8.45 -13.95 -12.74
CA SER B 138 -7.95 -14.43 -11.47
C SER B 138 -7.14 -15.69 -11.70
N ASP B 139 -6.16 -15.86 -10.82
CA ASP B 139 -5.31 -17.03 -10.80
C ASP B 139 -5.42 -17.81 -9.50
N GLN B 140 -6.25 -17.37 -8.57
CA GLN B 140 -6.44 -18.11 -7.33
C GLN B 140 -7.86 -18.64 -7.13
N GLU B 141 -8.01 -19.46 -6.09
CA GLU B 141 -9.31 -19.88 -5.63
C GLU B 141 -10.07 -18.66 -5.13
N CYS B 142 -11.40 -18.81 -5.10
CA CYS B 142 -12.35 -17.75 -4.75
C CYS B 142 -12.19 -16.54 -5.67
N SER B 143 -11.82 -16.80 -6.93
CA SER B 143 -11.64 -15.79 -7.96
C SER B 143 -10.72 -14.66 -7.50
N GLN B 144 -9.71 -15.01 -6.72
CA GLN B 144 -8.81 -14.03 -6.11
C GLN B 144 -7.56 -13.86 -6.92
N TYR B 145 -6.82 -12.82 -6.56
CA TYR B 145 -5.57 -12.45 -7.21
C TYR B 145 -4.42 -12.69 -6.26
N SER B 146 -3.37 -13.33 -6.77
CA SER B 146 -2.18 -13.53 -6.00
C SER B 146 -1.43 -12.23 -6.03
N ALA B 147 -0.57 -12.04 -5.04
CA ALA B 147 0.28 -10.87 -4.99
C ALA B 147 1.26 -10.75 -6.15
N LEU B 148 1.68 -11.88 -6.72
CA LEU B 148 2.65 -11.85 -7.81
C LEU B 148 1.94 -11.35 -9.06
N LEU B 149 0.73 -11.89 -9.30
CA LEU B 149 -0.05 -11.48 -10.44
C LEU B 149 -0.21 -9.97 -10.39
N LEU B 150 -0.71 -9.47 -9.26
CA LEU B 150 -0.95 -8.03 -9.08
C LEU B 150 0.30 -7.23 -9.23
N HIS B 151 1.43 -7.77 -8.78
CA HIS B 151 2.69 -7.09 -9.02
C HIS B 151 3.03 -7.01 -10.50
N LYS B 152 2.98 -8.17 -11.16
CA LYS B 152 3.12 -8.29 -12.60
C LYS B 152 2.26 -7.30 -13.38
N ILE B 153 0.97 -7.24 -13.06
CA ILE B 153 0.07 -6.23 -13.63
C ILE B 153 0.49 -4.78 -13.40
N ARG B 154 0.73 -4.42 -12.13
CA ARG B 154 1.30 -3.11 -11.80
C ARG B 154 2.43 -2.78 -12.72
N GLN B 155 3.42 -3.68 -12.79
CA GLN B 155 4.68 -3.46 -13.52
C GLN B 155 4.42 -3.30 -14.99
N PHE B 156 3.47 -4.07 -15.49
CA PHE B 156 3.14 -4.12 -16.88
C PHE B 156 2.51 -2.83 -17.35
N ILE B 157 1.54 -2.32 -16.58
CA ILE B 157 0.94 -1.02 -16.85
C ILE B 157 2.04 0.06 -16.91
N MET B 158 2.95 0.05 -15.92
CA MET B 158 3.99 1.05 -15.82
C MET B 158 4.82 1.03 -17.09
N CYS B 159 5.09 -0.20 -17.57
CA CYS B 159 5.89 -0.43 -18.74
C CYS B 159 5.23 0.07 -20.02
N LEU B 160 3.94 -0.25 -20.18
CA LEU B 160 3.16 0.31 -21.28
C LEU B 160 3.19 1.84 -21.27
N GLU B 161 2.87 2.44 -20.12
CA GLU B 161 2.93 3.87 -19.93
C GLU B 161 4.26 4.45 -20.42
N SER B 162 5.33 3.88 -19.89
CA SER B 162 6.67 4.34 -20.11
C SER B 162 7.05 4.27 -21.59
N ASN B 163 6.68 3.17 -22.25
CA ASN B 163 7.04 3.01 -23.63
C ASN B 163 6.30 4.02 -24.52
N LEU B 164 5.04 4.29 -24.21
CA LEU B 164 4.25 5.20 -25.00
C LEU B 164 4.75 6.61 -24.85
N LEU B 165 5.01 6.99 -23.60
CA LEU B 165 5.43 8.33 -23.29
C LEU B 165 6.77 8.73 -23.96
N ARG B 166 7.74 7.82 -23.94
CA ARG B 166 9.04 8.06 -24.49
C ARG B 166 9.10 7.94 -26.00
N SER B 167 8.10 7.29 -26.59
CA SER B 167 7.90 7.30 -28.02
C SER B 167 7.12 8.53 -28.45
N LYS B 168 6.69 9.33 -27.45
CA LYS B 168 5.96 10.61 -27.62
C LYS B 168 4.69 10.43 -28.41
N ILE B 169 3.97 9.37 -28.05
CA ILE B 169 2.69 9.02 -28.63
C ILE B 169 1.68 9.92 -27.96
N ALA B 170 0.77 10.51 -28.75
CA ALA B 170 -0.32 11.36 -28.23
C ALA B 170 -1.43 10.51 -27.60
N PRO B 171 -1.85 10.85 -26.37
CA PRO B 171 -2.97 10.15 -25.71
C PRO B 171 -4.30 10.41 -26.42
N GLY B 172 -5.22 9.45 -26.33
CA GLY B 172 -6.59 9.65 -26.81
C GLY B 172 -7.50 10.04 -25.67
N GLU B 173 -8.80 9.94 -25.91
CA GLU B 173 -9.83 10.29 -24.94
C GLU B 173 -10.24 9.07 -24.15
N TYR B 174 -10.00 9.11 -22.84
CA TYR B 174 -10.40 8.02 -21.92
C TYR B 174 -11.93 8.00 -21.84
N PRO B 175 -12.51 6.81 -21.63
CA PRO B 175 -13.95 6.75 -21.44
C PRO B 175 -14.30 7.31 -20.08
N ALA B 176 -15.42 8.05 -20.04
CA ALA B 176 -15.91 8.74 -18.82
C ALA B 176 -16.07 7.77 -17.65
N SER B 177 -16.51 6.55 -17.97
CA SER B 177 -16.61 5.42 -17.03
C SER B 177 -15.30 5.09 -16.25
N ASP B 178 -14.15 5.35 -16.84
CA ASP B 178 -12.92 4.90 -16.24
C ASP B 178 -12.36 5.84 -15.17
N VAL B 179 -11.53 5.29 -14.30
CA VAL B 179 -10.68 6.11 -13.41
C VAL B 179 -9.19 5.88 -13.75
N ARG B 180 -8.37 6.86 -13.38
CA ARG B 180 -6.94 6.79 -13.55
C ARG B 180 -6.30 7.82 -12.62
N PRO B 181 -5.11 7.53 -12.10
CA PRO B 181 -4.43 8.56 -11.39
C PRO B 181 -3.83 9.50 -12.41
N GLU B 182 -3.38 10.66 -11.94
CA GLU B 182 -2.83 11.65 -12.85
C GLU B 182 -1.51 11.28 -13.58
N ASP B 183 -0.74 10.35 -13.02
CA ASP B 183 0.51 9.90 -13.66
C ASP B 183 0.28 8.79 -14.70
N TRP B 184 -0.99 8.44 -14.95
CA TRP B 184 -1.29 7.58 -16.09
C TRP B 184 -1.75 8.49 -17.19
N LYS B 185 -1.04 8.46 -18.32
CA LYS B 185 -1.38 9.33 -19.43
C LYS B 185 -2.12 8.60 -20.50
N TYR B 186 -2.00 7.27 -20.51
CA TYR B 186 -2.58 6.44 -21.58
C TYR B 186 -3.56 5.39 -21.03
N VAL B 187 -3.21 4.79 -19.88
CA VAL B 187 -3.97 3.68 -19.30
C VAL B 187 -5.12 4.19 -18.41
N SER B 188 -6.25 3.50 -18.42
CA SER B 188 -7.35 3.80 -17.48
C SER B 188 -8.08 2.51 -17.04
N TYR B 189 -8.78 2.57 -15.90
CA TYR B 189 -9.32 1.36 -15.28
C TYR B 189 -10.83 1.35 -15.14
N ARG B 190 -11.40 0.19 -15.43
CA ARG B 190 -12.83 -0.03 -15.18
C ARG B 190 -13.09 -1.37 -14.55
N ASN B 191 -14.01 -1.42 -13.58
CA ASN B 191 -14.67 -2.66 -13.17
C ASN B 191 -16.09 -2.73 -13.69
N GLU B 192 -16.37 -3.71 -14.55
CA GLU B 192 -17.73 -3.93 -15.09
C GLU B 192 -18.86 -4.10 -14.11
N LEU B 193 -18.64 -4.88 -13.05
CA LEU B 193 -19.68 -5.16 -12.01
C LEU B 193 -20.23 -3.90 -11.35
N ARG B 194 -19.32 -2.95 -11.10
CA ARG B 194 -19.66 -1.69 -10.46
C ARG B 194 -20.19 -0.66 -11.46
N GLN B 205 -15.94 7.23 -9.20
CA GLN B 205 -16.27 8.12 -8.06
C GLN B 205 -16.12 7.35 -6.74
N MET B 206 -16.79 6.19 -6.68
CA MET B 206 -16.53 5.15 -5.70
C MET B 206 -15.89 3.99 -6.45
N LEU B 207 -15.49 4.26 -7.70
CA LEU B 207 -14.75 3.25 -8.49
C LEU B 207 -13.25 3.26 -8.13
N ARG B 208 -12.79 4.42 -7.67
CA ARG B 208 -11.49 4.62 -7.00
C ARG B 208 -11.32 3.87 -5.65
N GLU B 209 -12.43 3.41 -5.04
CA GLU B 209 -12.33 2.63 -3.81
C GLU B 209 -12.09 1.13 -4.04
N GLU B 210 -12.39 0.64 -5.25
CA GLU B 210 -12.17 -0.77 -5.60
C GLU B 210 -10.80 -1.27 -5.10
N PRO B 211 -10.83 -2.29 -4.23
CA PRO B 211 -9.62 -3.00 -3.79
C PRO B 211 -8.55 -3.09 -4.89
N PHE B 212 -8.86 -3.83 -5.97
CA PHE B 212 -7.96 -4.02 -7.13
C PHE B 212 -7.29 -2.73 -7.61
N TYR B 213 -8.05 -1.65 -7.70
CA TYR B 213 -7.55 -0.39 -8.23
C TYR B 213 -6.58 0.21 -7.27
N ARG B 214 -6.93 0.16 -5.99
CA ARG B 214 -6.11 0.73 -4.92
C ARG B 214 -4.74 0.05 -4.96
N LEU B 215 -4.73 -1.26 -5.14
CA LEU B 215 -3.48 -1.99 -5.32
C LEU B 215 -2.68 -1.65 -6.58
N MET B 216 -3.33 -1.05 -7.59
CA MET B 216 -2.62 -0.65 -8.81
C MET B 216 -1.88 0.65 -8.68
N ILE B 217 -2.38 1.59 -7.88
CA ILE B 217 -1.87 2.96 -7.88
C ILE B 217 -1.09 3.38 -6.64
N GLU B 218 -1.46 2.81 -5.49
CA GLU B 218 -0.96 3.28 -4.18
C GLU B 218 0.45 2.72 -3.88
C1 MPD C . 8.58 -11.03 23.84
C2 MPD C . 8.33 -11.58 22.44
O2 MPD C . 9.61 -11.96 21.88
CM MPD C . 7.48 -12.87 22.51
C3 MPD C . 7.73 -10.53 21.49
C4 MPD C . 6.44 -9.88 21.98
O4 MPD C . 6.71 -8.62 22.56
C5 MPD C . 5.39 -9.71 20.89
#